data_5TIM
#
_entry.id   5TIM
#
_cell.length_a   113.140
_cell.length_b   97.690
_cell.length_c   46.560
_cell.angle_alpha   90.00
_cell.angle_beta   90.00
_cell.angle_gamma   90.00
#
_symmetry.space_group_name_H-M   'P 21 21 21'
#
loop_
_entity.id
_entity.type
_entity.pdbx_description
1 polymer 'TRIOSEPHOSPHATE ISOMERASE'
2 non-polymer 'SULFATE ION'
3 non-polymer 2,3-DIHYDROXY-1,4-DITHIOBUTANE
4 water water
#
_entity_poly.entity_id   1
_entity_poly.type   'polypeptide(L)'
_entity_poly.pdbx_seq_one_letter_code
;MSKPQPIAAANWKCNGSQQSLSELIDLFNSTSINHDVQCVVASTFVHLAMTKERLSHPKFVIAAQNAIAKSGAFTGEVSL
PILKDFGVNWIVLGHSERRAYYGETNEIVADKVAAAVASGFMVIACIGETLQERESGRTAVVVLTQIAAIAKKLKKADWA
KVVIAYEPVWAIGTGKVATPQQAQEAHALIRSWVSSKIGADVAGELRILYGGSVNGKNARTLYQQRDVNGFLVGGASLKP
EFVDIIKATQ
;
_entity_poly.pdbx_strand_id   A,B
#
loop_
_chem_comp.id
_chem_comp.type
_chem_comp.name
_chem_comp.formula
DTT non-polymer 2,3-DIHYDROXY-1,4-DITHIOBUTANE 'C4 H10 O2 S2'
SO4 non-polymer 'SULFATE ION' 'O4 S -2'
#
# COMPACT_ATOMS: atom_id res chain seq x y z
N SER A 2 -19.69 -19.65 28.12
CA SER A 2 -19.84 -19.29 26.72
C SER A 2 -18.92 -18.20 26.09
N LYS A 3 -18.69 -18.39 24.77
CA LYS A 3 -17.86 -17.51 24.01
C LYS A 3 -18.61 -17.26 22.71
N PRO A 4 -18.41 -16.08 22.10
CA PRO A 4 -18.98 -15.84 20.76
C PRO A 4 -18.27 -16.70 19.66
N GLN A 5 -18.64 -16.57 18.36
CA GLN A 5 -18.03 -17.30 17.28
C GLN A 5 -16.54 -16.96 17.21
N PRO A 6 -15.67 -17.97 17.13
CA PRO A 6 -14.24 -17.65 17.09
C PRO A 6 -13.79 -17.19 15.73
N ILE A 7 -12.63 -16.55 15.64
CA ILE A 7 -12.01 -16.12 14.40
C ILE A 7 -10.57 -16.57 14.35
N ALA A 8 -10.22 -17.17 13.23
CA ALA A 8 -8.86 -17.62 12.87
C ALA A 8 -8.40 -16.85 11.64
N ALA A 9 -7.62 -15.80 11.93
CA ALA A 9 -7.10 -14.87 10.96
C ALA A 9 -5.63 -15.06 10.60
N ALA A 10 -5.43 -15.21 9.34
CA ALA A 10 -4.13 -15.45 8.79
C ALA A 10 -3.66 -14.13 8.17
N ASN A 11 -2.63 -13.58 8.77
CA ASN A 11 -2.03 -12.36 8.28
C ASN A 11 -0.72 -12.72 7.58
N TRP A 12 -0.88 -12.77 6.26
CA TRP A 12 0.27 -13.11 5.38
C TRP A 12 1.44 -12.06 5.24
N LYS A 13 1.19 -10.83 5.73
CA LYS A 13 2.00 -9.66 5.74
C LYS A 13 2.44 -9.48 4.32
N CYS A 14 3.71 -9.02 4.14
CA CYS A 14 4.34 -8.78 2.82
C CYS A 14 5.13 -9.98 2.31
N ASN A 15 4.39 -11.05 2.08
CA ASN A 15 4.91 -12.35 1.72
C ASN A 15 4.05 -13.01 0.67
N GLY A 16 4.68 -13.93 -0.06
CA GLY A 16 3.99 -14.77 -1.02
C GLY A 16 4.36 -14.71 -2.48
N SER A 17 4.25 -15.86 -3.11
CA SER A 17 4.45 -15.87 -4.55
C SER A 17 3.16 -16.52 -4.99
N GLN A 18 2.75 -16.34 -6.25
CA GLN A 18 1.54 -16.96 -6.78
C GLN A 18 1.65 -18.47 -6.59
N GLN A 19 2.83 -19.02 -6.78
CA GLN A 19 2.92 -20.42 -6.58
C GLN A 19 2.71 -20.86 -5.16
N SER A 20 3.52 -20.34 -4.29
CA SER A 20 3.41 -20.72 -2.92
C SER A 20 2.04 -20.46 -2.35
N LEU A 21 1.38 -19.38 -2.74
CA LEU A 21 0.03 -19.10 -2.19
C LEU A 21 -1.10 -20.00 -2.74
N SER A 22 -0.96 -20.27 -4.05
CA SER A 22 -1.80 -21.22 -4.77
C SER A 22 -1.70 -22.51 -3.97
N GLU A 23 -0.44 -22.96 -3.69
CA GLU A 23 -0.27 -24.20 -2.91
C GLU A 23 -0.90 -24.23 -1.50
N LEU A 24 -0.87 -23.10 -0.80
CA LEU A 24 -1.46 -22.99 0.52
C LEU A 24 -2.99 -22.89 0.50
N ILE A 25 -3.51 -22.21 -0.51
CA ILE A 25 -4.93 -22.07 -0.70
C ILE A 25 -5.55 -23.51 -0.92
N ASP A 26 -4.88 -24.33 -1.74
CA ASP A 26 -5.41 -25.67 -1.94
C ASP A 26 -5.56 -26.49 -0.64
N LEU A 27 -4.53 -26.46 0.21
CA LEU A 27 -4.55 -27.10 1.48
C LEU A 27 -5.70 -26.63 2.33
N PHE A 28 -5.87 -25.29 2.35
CA PHE A 28 -6.95 -24.69 3.08
C PHE A 28 -8.26 -25.22 2.55
N ASN A 29 -8.27 -25.28 1.22
CA ASN A 29 -9.46 -25.75 0.58
C ASN A 29 -9.82 -27.20 0.99
N SER A 30 -8.84 -28.06 1.14
CA SER A 30 -9.13 -29.44 1.52
C SER A 30 -9.48 -29.60 2.97
N THR A 31 -9.34 -28.56 3.75
CA THR A 31 -9.53 -28.65 5.16
C THR A 31 -10.93 -28.88 5.62
N SER A 32 -10.99 -29.84 6.54
CA SER A 32 -12.23 -30.23 7.18
C SER A 32 -12.40 -29.47 8.47
N ILE A 33 -13.41 -28.62 8.53
CA ILE A 33 -13.64 -27.81 9.72
C ILE A 33 -15.06 -28.05 10.15
N ASN A 34 -15.20 -28.62 11.29
CA ASN A 34 -16.54 -29.02 11.61
C ASN A 34 -17.35 -28.09 12.45
N HIS A 35 -16.66 -27.30 13.22
CA HIS A 35 -17.30 -26.35 14.06
C HIS A 35 -17.48 -24.93 13.45
N ASP A 36 -18.15 -24.11 14.26
CA ASP A 36 -18.46 -22.74 13.86
C ASP A 36 -17.34 -21.77 14.21
N VAL A 37 -16.57 -21.54 13.19
CA VAL A 37 -15.43 -20.64 13.20
C VAL A 37 -15.46 -19.81 11.89
N GLN A 38 -15.12 -18.56 12.00
CA GLN A 38 -14.86 -17.70 10.88
C GLN A 38 -13.33 -17.64 10.64
N CYS A 39 -12.89 -18.11 9.49
CA CYS A 39 -11.51 -18.06 9.00
C CYS A 39 -11.34 -16.89 8.04
N VAL A 40 -10.18 -16.21 8.17
CA VAL A 40 -9.93 -14.97 7.42
C VAL A 40 -8.58 -15.09 6.81
N VAL A 41 -8.51 -14.74 5.50
CA VAL A 41 -7.23 -14.77 4.74
C VAL A 41 -6.88 -13.37 4.29
N ALA A 42 -5.85 -12.70 4.91
CA ALA A 42 -5.35 -11.34 4.62
C ALA A 42 -4.03 -11.38 3.85
N SER A 43 -4.25 -11.22 2.54
CA SER A 43 -3.22 -11.23 1.50
C SER A 43 -2.73 -9.79 1.24
N THR A 44 -1.68 -9.70 0.44
CA THR A 44 -1.24 -8.38 0.03
C THR A 44 -2.29 -7.91 -0.97
N PHE A 45 -2.37 -6.62 -1.21
CA PHE A 45 -3.38 -6.13 -2.17
C PHE A 45 -3.19 -6.83 -3.52
N VAL A 46 -1.91 -7.09 -3.89
CA VAL A 46 -1.55 -7.70 -5.16
C VAL A 46 -2.11 -9.14 -5.37
N HIS A 47 -2.24 -9.90 -4.30
CA HIS A 47 -2.79 -11.23 -4.31
C HIS A 47 -4.29 -11.37 -4.10
N LEU A 48 -5.02 -10.28 -3.81
CA LEU A 48 -6.46 -10.31 -3.64
C LEU A 48 -7.28 -11.03 -4.74
N ALA A 49 -7.00 -10.71 -6.00
CA ALA A 49 -7.68 -11.32 -7.10
C ALA A 49 -7.47 -12.85 -7.13
N MET A 50 -6.20 -13.29 -7.04
CA MET A 50 -5.99 -14.68 -7.08
C MET A 50 -6.69 -15.40 -5.91
N THR A 51 -6.59 -14.80 -4.75
CA THR A 51 -7.10 -15.36 -3.56
C THR A 51 -8.59 -15.52 -3.63
N LYS A 52 -9.16 -14.52 -4.13
CA LYS A 52 -10.58 -14.42 -4.24
C LYS A 52 -11.06 -15.48 -5.18
N GLU A 53 -10.43 -15.59 -6.33
CA GLU A 53 -10.85 -16.65 -7.22
C GLU A 53 -10.67 -18.08 -6.71
N ARG A 54 -9.52 -18.37 -6.14
CA ARG A 54 -9.14 -19.69 -5.77
C ARG A 54 -9.68 -20.24 -4.44
N LEU A 55 -9.84 -19.39 -3.43
CA LEU A 55 -10.28 -19.87 -2.13
C LEU A 55 -11.76 -20.17 -2.25
N SER A 56 -12.13 -21.45 -2.02
CA SER A 56 -13.50 -21.90 -2.21
C SER A 56 -14.14 -22.39 -0.94
N HIS A 57 -13.32 -22.63 0.08
CA HIS A 57 -13.85 -23.11 1.36
C HIS A 57 -14.90 -22.15 1.95
N PRO A 58 -16.09 -22.68 2.21
CA PRO A 58 -17.20 -21.93 2.73
C PRO A 58 -16.91 -21.22 4.05
N LYS A 59 -15.93 -21.67 4.82
CA LYS A 59 -15.61 -21.02 6.07
C LYS A 59 -14.59 -19.87 6.01
N PHE A 60 -13.99 -19.61 4.85
CA PHE A 60 -12.91 -18.59 4.65
C PHE A 60 -13.44 -17.39 3.87
N VAL A 61 -13.02 -16.19 4.27
CA VAL A 61 -13.32 -14.91 3.65
C VAL A 61 -11.96 -14.28 3.46
N ILE A 62 -12.03 -13.32 2.59
CA ILE A 62 -10.81 -12.55 2.28
C ILE A 62 -10.74 -11.25 3.00
N ALA A 63 -9.51 -10.86 3.32
CA ALA A 63 -9.33 -9.60 3.96
C ALA A 63 -8.22 -8.79 3.37
N ALA A 64 -8.32 -7.47 3.52
CA ALA A 64 -7.19 -6.57 3.22
C ALA A 64 -6.38 -6.32 4.53
N GLN A 65 -5.10 -5.95 4.38
CA GLN A 65 -4.08 -5.63 5.42
C GLN A 65 -3.98 -4.16 5.82
N ASN A 66 -4.61 -3.25 5.00
CA ASN A 66 -4.63 -1.84 5.36
C ASN A 66 -5.54 -1.19 4.34
N ALA A 67 -5.95 0.06 4.60
CA ALA A 67 -6.58 0.93 3.63
C ALA A 67 -6.54 2.37 4.09
N ILE A 68 -6.81 3.28 3.19
CA ILE A 68 -7.04 4.70 3.45
C ILE A 68 -8.58 4.89 3.26
N ALA A 69 -9.11 5.89 3.92
CA ALA A 69 -10.50 6.20 3.90
C ALA A 69 -11.11 6.59 2.52
N LYS A 70 -10.49 7.48 1.73
CA LYS A 70 -11.11 7.89 0.47
C LYS A 70 -10.21 7.69 -0.71
N SER A 71 -10.83 7.62 -1.90
CA SER A 71 -10.15 7.57 -3.15
C SER A 71 -9.67 9.01 -3.42
N GLY A 72 -8.57 9.19 -4.10
CA GLY A 72 -8.08 10.53 -4.34
C GLY A 72 -6.60 10.45 -4.71
N ALA A 73 -5.92 11.59 -4.59
CA ALA A 73 -4.55 11.85 -4.99
C ALA A 73 -3.70 11.40 -3.82
N PHE A 74 -3.55 10.04 -3.79
CA PHE A 74 -2.80 9.32 -2.72
C PHE A 74 -2.06 8.18 -3.33
N THR A 75 -1.06 8.55 -4.10
CA THR A 75 -0.29 7.63 -4.92
C THR A 75 0.26 6.48 -4.04
N GLY A 76 0.07 5.27 -4.53
CA GLY A 76 0.58 4.07 -3.87
C GLY A 76 -0.36 3.47 -2.86
N GLU A 77 -1.37 4.20 -2.45
CA GLU A 77 -2.36 3.78 -1.47
C GLU A 77 -3.61 3.22 -2.13
N VAL A 78 -4.34 2.49 -1.27
CA VAL A 78 -5.54 1.76 -1.63
C VAL A 78 -6.72 2.15 -0.72
N SER A 79 -7.86 2.56 -1.31
CA SER A 79 -8.99 3.02 -0.47
C SER A 79 -10.11 2.00 -0.22
N LEU A 80 -10.98 2.34 0.76
CA LEU A 80 -12.11 1.56 1.13
C LEU A 80 -13.09 1.33 -0.03
N PRO A 81 -13.53 2.40 -0.72
CA PRO A 81 -14.42 2.24 -1.87
C PRO A 81 -13.81 1.32 -2.92
N ILE A 82 -12.46 1.37 -3.07
CA ILE A 82 -11.81 0.56 -4.06
C ILE A 82 -11.91 -0.90 -3.66
N LEU A 83 -11.82 -1.12 -2.34
CA LEU A 83 -11.90 -2.50 -1.82
C LEU A 83 -13.31 -3.09 -1.81
N LYS A 84 -14.24 -2.24 -1.58
CA LYS A 84 -15.70 -2.53 -1.58
C LYS A 84 -16.20 -2.99 -2.97
N ASP A 85 -15.77 -2.21 -3.97
CA ASP A 85 -16.02 -2.46 -5.40
C ASP A 85 -15.40 -3.80 -5.83
N PHE A 86 -14.25 -4.15 -5.22
CA PHE A 86 -13.57 -5.37 -5.64
C PHE A 86 -14.14 -6.57 -4.87
N GLY A 87 -15.08 -6.33 -3.95
CA GLY A 87 -15.74 -7.37 -3.16
C GLY A 87 -14.98 -7.92 -1.89
N VAL A 88 -14.16 -7.04 -1.25
CA VAL A 88 -13.51 -7.43 0.01
C VAL A 88 -14.36 -6.75 1.11
N ASN A 89 -14.76 -7.45 2.12
CA ASN A 89 -15.57 -6.82 3.15
C ASN A 89 -14.98 -7.00 4.58
N TRP A 90 -13.71 -7.41 4.60
CA TRP A 90 -12.92 -7.60 5.82
C TRP A 90 -11.60 -6.82 5.59
N ILE A 91 -11.17 -6.28 6.73
CA ILE A 91 -9.92 -5.54 6.76
C ILE A 91 -9.25 -5.55 8.16
N VAL A 92 -7.93 -5.57 8.15
CA VAL A 92 -7.08 -5.46 9.33
C VAL A 92 -6.60 -3.99 9.39
N LEU A 93 -6.86 -3.28 10.56
CA LEU A 93 -6.45 -1.92 10.71
C LEU A 93 -5.63 -1.75 11.98
N GLY A 94 -4.68 -0.83 11.97
CA GLY A 94 -3.88 -0.52 13.20
C GLY A 94 -2.86 -1.57 13.59
N HIS A 95 -2.38 -2.41 12.66
CA HIS A 95 -1.34 -3.34 12.99
C HIS A 95 -0.12 -2.67 13.58
N SER A 96 0.44 -3.32 14.63
CA SER A 96 1.64 -2.86 15.30
C SER A 96 2.70 -2.28 14.35
N GLU A 97 2.92 -3.01 13.25
CA GLU A 97 3.89 -2.65 12.22
C GLU A 97 3.54 -1.35 11.52
N ARG A 98 2.21 -1.08 11.31
CA ARG A 98 1.76 0.17 10.68
C ARG A 98 2.00 1.34 11.62
N ARG A 99 1.58 1.09 12.92
CA ARG A 99 1.85 1.98 14.04
C ARG A 99 3.35 2.30 14.19
N ALA A 100 4.27 1.32 14.09
CA ALA A 100 5.67 1.52 14.23
C ALA A 100 6.40 2.12 13.04
N TYR A 101 6.17 1.66 11.85
CA TYR A 101 7.02 2.24 10.83
C TYR A 101 6.29 3.18 9.91
N TYR A 102 4.94 3.13 9.96
CA TYR A 102 4.16 3.86 8.98
C TYR A 102 3.37 5.04 9.49
N GLY A 103 3.68 5.50 10.73
CA GLY A 103 3.10 6.72 11.29
C GLY A 103 1.64 6.71 11.64
N GLU A 104 1.15 5.51 11.90
CA GLU A 104 -0.28 5.43 12.28
C GLU A 104 -0.48 5.67 13.77
N THR A 105 -0.99 6.81 14.15
CA THR A 105 -1.25 7.13 15.55
C THR A 105 -2.55 6.52 16.00
N ASN A 106 -2.93 6.78 17.26
CA ASN A 106 -4.17 6.31 17.69
C ASN A 106 -5.30 6.97 16.90
N GLU A 107 -5.10 8.25 16.60
CA GLU A 107 -6.11 9.06 15.92
C GLU A 107 -6.34 8.68 14.43
N ILE A 108 -5.24 8.31 13.80
CA ILE A 108 -5.32 7.84 12.42
C ILE A 108 -6.04 6.48 12.35
N VAL A 109 -5.62 5.58 13.25
CA VAL A 109 -6.19 4.26 13.32
C VAL A 109 -7.70 4.40 13.52
N ALA A 110 -8.06 5.26 14.49
CA ALA A 110 -9.47 5.58 14.86
C ALA A 110 -10.34 6.07 13.68
N ASP A 111 -9.72 6.93 12.87
CA ASP A 111 -10.30 7.45 11.65
C ASP A 111 -10.57 6.31 10.64
N LYS A 112 -9.56 5.45 10.48
CA LYS A 112 -9.63 4.32 9.56
C LYS A 112 -10.75 3.36 9.95
N VAL A 113 -10.80 3.01 11.24
CA VAL A 113 -11.83 2.14 11.74
C VAL A 113 -13.20 2.67 11.49
N ALA A 114 -13.37 3.94 11.87
CA ALA A 114 -14.67 4.59 11.77
C ALA A 114 -15.13 4.66 10.32
N ALA A 115 -14.25 4.99 9.38
CA ALA A 115 -14.60 4.97 7.97
C ALA A 115 -14.92 3.57 7.42
N ALA A 116 -14.12 2.55 7.81
CA ALA A 116 -14.38 1.18 7.36
C ALA A 116 -15.76 0.68 7.84
N VAL A 117 -15.98 0.98 9.11
CA VAL A 117 -17.25 0.59 9.71
C VAL A 117 -18.50 1.15 8.89
N ALA A 118 -18.40 2.46 8.54
CA ALA A 118 -19.33 3.30 7.78
C ALA A 118 -19.52 2.64 6.46
N SER A 119 -18.46 2.11 5.95
CA SER A 119 -18.61 1.47 4.70
C SER A 119 -19.16 0.03 4.76
N GLY A 120 -19.52 -0.45 5.98
CA GLY A 120 -20.04 -1.81 6.17
C GLY A 120 -18.97 -2.92 6.22
N PHE A 121 -17.64 -2.60 6.35
CA PHE A 121 -16.60 -3.64 6.37
C PHE A 121 -16.64 -4.32 7.69
N MET A 122 -16.16 -5.60 7.76
CA MET A 122 -15.95 -6.23 9.09
C MET A 122 -14.48 -5.85 9.42
N VAL A 123 -14.23 -5.31 10.62
CA VAL A 123 -12.90 -4.74 10.98
C VAL A 123 -12.23 -5.47 12.15
N ILE A 124 -10.98 -5.83 11.91
CA ILE A 124 -10.09 -6.38 12.96
C ILE A 124 -9.14 -5.19 13.27
N ALA A 125 -9.47 -4.55 14.42
CA ALA A 125 -8.78 -3.39 14.91
C ALA A 125 -7.69 -3.88 15.89
N CYS A 126 -6.39 -3.53 15.63
CA CYS A 126 -5.20 -3.98 16.40
C CYS A 126 -4.64 -2.93 17.35
N ILE A 127 -4.48 -3.41 18.57
CA ILE A 127 -4.01 -2.68 19.75
C ILE A 127 -2.92 -3.50 20.49
N GLY A 128 -2.07 -2.81 21.24
CA GLY A 128 -1.08 -3.52 22.07
C GLY A 128 0.00 -2.60 22.52
N GLU A 129 0.62 -2.87 23.68
CA GLU A 129 1.72 -2.03 24.23
C GLU A 129 3.10 -2.63 23.88
N THR A 130 4.17 -1.78 23.83
CA THR A 130 5.53 -2.16 23.49
C THR A 130 6.29 -2.59 24.75
N LEU A 131 7.51 -3.14 24.56
CA LEU A 131 8.35 -3.52 25.73
C LEU A 131 8.49 -2.36 26.72
N GLN A 132 8.90 -1.20 26.25
CA GLN A 132 9.02 -0.12 27.25
C GLN A 132 7.77 0.32 28.07
N GLU A 133 6.59 0.37 27.41
CA GLU A 133 5.32 0.67 28.06
C GLU A 133 4.95 -0.41 29.09
N ARG A 134 5.28 -1.70 28.77
CA ARG A 134 4.92 -2.77 29.72
C ARG A 134 5.75 -2.68 31.04
N GLU A 135 7.03 -2.52 30.77
CA GLU A 135 8.09 -2.43 31.73
C GLU A 135 7.98 -1.23 32.60
N SER A 136 7.46 -0.21 31.99
CA SER A 136 7.29 1.02 32.67
C SER A 136 5.94 1.03 33.42
N GLY A 137 5.30 -0.13 33.42
CA GLY A 137 4.03 -0.25 34.09
C GLY A 137 2.84 0.44 33.46
N ARG A 138 2.96 0.87 32.15
CA ARG A 138 1.84 1.55 31.51
C ARG A 138 0.89 0.72 30.62
N THR A 139 0.91 -0.59 30.78
CA THR A 139 0.06 -1.49 30.00
C THR A 139 -1.40 -1.02 29.94
N ALA A 140 -2.03 -0.86 31.13
CA ALA A 140 -3.44 -0.43 31.18
C ALA A 140 -3.69 0.86 30.45
N VAL A 141 -2.85 1.86 30.70
CA VAL A 141 -2.98 3.19 30.17
C VAL A 141 -2.88 3.18 28.63
N VAL A 142 -1.91 2.46 28.15
CA VAL A 142 -1.70 2.42 26.72
C VAL A 142 -2.85 1.74 26.02
N VAL A 143 -3.08 0.51 26.51
CA VAL A 143 -4.12 -0.31 25.93
C VAL A 143 -5.47 0.38 25.90
N LEU A 144 -5.93 0.82 27.12
CA LEU A 144 -7.20 1.54 27.30
C LEU A 144 -7.31 2.83 26.51
N THR A 145 -6.18 3.51 26.25
CA THR A 145 -6.15 4.71 25.39
C THR A 145 -6.34 4.28 23.94
N GLN A 146 -5.77 3.11 23.61
CA GLN A 146 -5.89 2.72 22.23
C GLN A 146 -7.32 2.34 21.90
N ILE A 147 -8.00 1.61 22.80
CA ILE A 147 -9.37 1.21 22.52
C ILE A 147 -10.28 2.45 22.55
N ALA A 148 -10.15 3.35 23.57
CA ALA A 148 -10.94 4.56 23.71
C ALA A 148 -10.94 5.48 22.48
N ALA A 149 -9.79 5.58 21.89
CA ALA A 149 -9.55 6.37 20.68
C ALA A 149 -10.44 5.85 19.57
N ILE A 150 -10.51 4.52 19.53
CA ILE A 150 -11.37 3.88 18.56
C ILE A 150 -12.86 4.05 18.96
N ALA A 151 -13.17 3.69 20.22
CA ALA A 151 -14.54 3.82 20.67
C ALA A 151 -15.17 5.20 20.45
N LYS A 152 -14.45 6.27 20.57
CA LYS A 152 -15.09 7.53 20.49
C LYS A 152 -15.77 7.84 19.18
N LYS A 153 -15.25 7.29 18.08
CA LYS A 153 -15.88 7.56 16.82
C LYS A 153 -16.99 6.61 16.53
N LEU A 154 -17.26 5.62 17.35
CA LEU A 154 -18.28 4.65 16.96
C LEU A 154 -19.55 4.81 17.75
N LYS A 155 -20.66 4.25 17.18
CA LYS A 155 -21.99 4.08 17.83
C LYS A 155 -22.06 2.65 18.38
N LYS A 156 -22.83 2.41 19.41
CA LYS A 156 -22.91 1.07 19.96
C LYS A 156 -23.27 -0.02 18.95
N ALA A 157 -24.16 0.40 18.01
CA ALA A 157 -24.58 -0.55 16.98
C ALA A 157 -23.43 -0.92 16.06
N ASP A 158 -22.50 -0.02 15.97
CA ASP A 158 -21.34 -0.28 15.13
C ASP A 158 -20.46 -1.42 15.61
N TRP A 159 -20.55 -1.73 16.92
CA TRP A 159 -19.73 -2.76 17.51
C TRP A 159 -19.88 -4.11 16.87
N ALA A 160 -21.06 -4.31 16.26
CA ALA A 160 -21.35 -5.61 15.65
C ALA A 160 -20.36 -5.95 14.54
N LYS A 161 -19.75 -4.89 14.06
CA LYS A 161 -18.78 -4.93 12.98
C LYS A 161 -17.33 -4.88 13.41
N VAL A 162 -17.09 -4.80 14.70
CA VAL A 162 -15.67 -4.74 15.15
C VAL A 162 -15.11 -6.04 15.86
N VAL A 163 -13.89 -6.44 15.54
CA VAL A 163 -13.10 -7.47 16.13
C VAL A 163 -11.84 -6.71 16.60
N ILE A 164 -11.50 -6.99 17.92
CA ILE A 164 -10.29 -6.56 18.61
C ILE A 164 -9.19 -7.61 18.49
N ALA A 165 -7.96 -7.16 18.11
CA ALA A 165 -6.79 -7.97 18.11
C ALA A 165 -5.80 -7.38 19.11
N TYR A 166 -5.45 -8.14 20.16
CA TYR A 166 -4.37 -7.75 21.09
C TYR A 166 -3.02 -8.26 20.70
N GLU A 167 -2.10 -7.38 20.38
CA GLU A 167 -0.79 -7.82 20.01
C GLU A 167 0.15 -7.47 21.19
N PRO A 168 0.67 -8.45 21.87
CA PRO A 168 1.66 -8.16 22.91
C PRO A 168 3.02 -7.80 22.19
N VAL A 169 3.15 -6.54 21.74
CA VAL A 169 4.24 -5.98 20.97
C VAL A 169 5.57 -6.15 21.72
N TRP A 170 5.51 -6.07 23.03
CA TRP A 170 6.59 -6.30 23.99
C TRP A 170 7.15 -7.70 23.89
N ALA A 171 6.46 -8.61 23.24
CA ALA A 171 6.98 -9.95 23.14
C ALA A 171 7.36 -10.32 21.70
N ILE A 172 7.22 -9.39 20.79
CA ILE A 172 7.53 -9.71 19.38
C ILE A 172 8.90 -9.20 18.97
N GLY A 173 9.88 -10.10 18.77
CA GLY A 173 11.22 -9.67 18.33
C GLY A 173 12.13 -9.21 19.46
N THR A 174 11.55 -9.23 20.65
CA THR A 174 12.25 -8.73 21.80
C THR A 174 12.96 -9.79 22.57
N GLY A 175 12.56 -11.06 22.44
CA GLY A 175 13.25 -12.11 23.22
C GLY A 175 12.51 -12.57 24.46
N LYS A 176 11.49 -11.76 24.74
CA LYS A 176 10.51 -12.03 25.82
C LYS A 176 9.53 -13.16 25.37
N VAL A 177 8.99 -13.87 26.36
CA VAL A 177 8.02 -14.91 26.15
C VAL A 177 6.70 -14.54 26.83
N ALA A 178 5.60 -14.60 26.04
CA ALA A 178 4.26 -14.39 26.53
C ALA A 178 3.57 -15.72 26.90
N THR A 179 2.96 -15.79 28.10
CA THR A 179 2.29 -16.98 28.63
C THR A 179 0.79 -16.81 28.51
N PRO A 180 0.01 -17.90 28.48
CA PRO A 180 -1.42 -17.81 28.31
C PRO A 180 -2.02 -16.91 29.34
N GLN A 181 -1.43 -16.95 30.51
CA GLN A 181 -1.91 -16.14 31.54
C GLN A 181 -1.79 -14.66 31.27
N GLN A 182 -0.62 -14.27 30.84
CA GLN A 182 -0.43 -12.86 30.53
C GLN A 182 -1.41 -12.39 29.41
N ALA A 183 -1.57 -13.20 28.38
CA ALA A 183 -2.46 -12.95 27.25
C ALA A 183 -3.84 -12.70 27.85
N GLN A 184 -4.23 -13.60 28.75
CA GLN A 184 -5.54 -13.50 29.31
C GLN A 184 -5.83 -12.21 30.08
N GLU A 185 -4.77 -11.75 30.72
CA GLU A 185 -4.84 -10.58 31.53
C GLU A 185 -5.07 -9.38 30.66
N ALA A 186 -4.36 -9.28 29.54
CA ALA A 186 -4.66 -8.14 28.64
C ALA A 186 -6.12 -8.12 27.98
N HIS A 187 -6.61 -9.28 27.57
CA HIS A 187 -7.90 -9.55 27.04
C HIS A 187 -8.98 -9.18 28.02
N ALA A 188 -8.77 -9.52 29.31
CA ALA A 188 -9.76 -9.28 30.42
C ALA A 188 -9.96 -7.80 30.67
N LEU A 189 -8.84 -7.10 30.56
CA LEU A 189 -8.76 -5.67 30.71
C LEU A 189 -9.54 -4.93 29.57
N ILE A 190 -9.25 -5.35 28.33
CA ILE A 190 -9.95 -4.81 27.13
C ILE A 190 -11.49 -5.04 27.28
N ARG A 191 -11.94 -6.28 27.63
CA ARG A 191 -13.37 -6.61 27.80
C ARG A 191 -14.11 -5.83 28.87
N SER A 192 -13.41 -5.67 29.98
CA SER A 192 -13.86 -4.89 31.11
C SER A 192 -14.12 -3.46 30.71
N TRP A 193 -13.20 -2.88 29.97
CA TRP A 193 -13.40 -1.53 29.53
C TRP A 193 -14.65 -1.42 28.63
N VAL A 194 -14.80 -2.37 27.74
CA VAL A 194 -15.92 -2.40 26.81
C VAL A 194 -17.26 -2.54 27.57
N SER A 195 -17.24 -3.53 28.44
CA SER A 195 -18.37 -3.87 29.24
C SER A 195 -18.94 -2.67 29.92
N SER A 196 -17.98 -1.93 30.46
CA SER A 196 -18.22 -0.79 31.26
C SER A 196 -18.63 0.46 30.57
N LYS A 197 -17.93 0.78 29.51
CA LYS A 197 -18.13 2.01 28.77
C LYS A 197 -19.22 1.92 27.71
N ILE A 198 -19.30 0.76 27.07
CA ILE A 198 -20.15 0.49 25.93
C ILE A 198 -21.34 -0.31 26.44
N GLY A 199 -21.06 -1.41 27.12
CA GLY A 199 -22.14 -2.18 27.65
C GLY A 199 -21.76 -3.62 27.75
N ALA A 200 -22.51 -4.35 28.57
CA ALA A 200 -22.26 -5.76 28.78
C ALA A 200 -22.66 -6.65 27.61
N ASP A 201 -23.74 -6.27 26.97
CA ASP A 201 -24.23 -6.97 25.83
C ASP A 201 -23.17 -6.99 24.70
N VAL A 202 -22.65 -5.82 24.45
CA VAL A 202 -21.63 -5.66 23.42
C VAL A 202 -20.40 -6.43 23.86
N ALA A 203 -20.01 -6.19 25.10
CA ALA A 203 -18.81 -6.87 25.65
C ALA A 203 -18.88 -8.42 25.49
N GLY A 204 -20.09 -8.95 25.73
CA GLY A 204 -20.30 -10.37 25.68
C GLY A 204 -20.14 -10.92 24.28
N GLU A 205 -20.44 -10.07 23.26
CA GLU A 205 -20.45 -10.49 21.87
C GLU A 205 -19.12 -10.25 21.18
N LEU A 206 -18.39 -9.41 21.83
CA LEU A 206 -17.14 -8.94 21.25
C LEU A 206 -16.12 -10.01 21.04
N ARG A 207 -15.55 -10.11 19.83
CA ARG A 207 -14.42 -11.06 19.63
C ARG A 207 -13.08 -10.38 19.93
N ILE A 208 -12.29 -10.99 20.85
CA ILE A 208 -10.93 -10.46 21.15
C ILE A 208 -9.89 -11.45 20.71
N LEU A 209 -9.12 -11.09 19.69
CA LEU A 209 -8.19 -12.04 19.19
C LEU A 209 -6.83 -11.90 19.78
N TYR A 210 -6.10 -13.02 19.87
CA TYR A 210 -4.73 -12.99 20.36
C TYR A 210 -3.83 -12.90 19.14
N GLY A 211 -3.00 -11.85 19.19
CA GLY A 211 -2.12 -11.44 18.11
C GLY A 211 -0.64 -11.62 18.34
N GLY A 212 -0.36 -12.45 19.32
CA GLY A 212 1.00 -12.82 19.67
C GLY A 212 1.50 -14.00 18.85
N SER A 213 2.52 -14.65 19.35
CA SER A 213 3.18 -15.79 18.67
C SER A 213 2.40 -17.05 18.96
N VAL A 214 1.88 -17.63 17.87
CA VAL A 214 1.00 -18.78 17.85
C VAL A 214 1.48 -19.81 16.83
N ASN A 215 1.60 -21.05 17.31
CA ASN A 215 1.94 -22.14 16.48
C ASN A 215 0.92 -23.20 16.89
N GLY A 216 0.88 -24.31 16.12
CA GLY A 216 -0.03 -25.44 16.33
C GLY A 216 0.01 -25.86 17.78
N LYS A 217 1.26 -25.78 18.26
CA LYS A 217 1.68 -26.19 19.56
C LYS A 217 1.06 -25.54 20.79
N ASN A 218 0.87 -24.21 20.85
CA ASN A 218 0.33 -23.48 22.00
C ASN A 218 -1.07 -22.85 21.76
N ALA A 219 -1.52 -23.00 20.51
CA ALA A 219 -2.83 -22.47 20.14
C ALA A 219 -3.97 -22.93 21.17
N ARG A 220 -4.07 -24.28 21.35
CA ARG A 220 -5.06 -24.97 22.15
C ARG A 220 -4.99 -24.32 23.53
N THR A 221 -3.77 -24.16 24.05
CA THR A 221 -3.61 -23.64 25.38
C THR A 221 -4.09 -22.26 25.50
N LEU A 222 -3.77 -21.48 24.45
CA LEU A 222 -4.13 -20.06 24.36
C LEU A 222 -5.61 -19.98 24.27
N TYR A 223 -6.25 -20.77 23.41
CA TYR A 223 -7.72 -20.79 23.31
C TYR A 223 -8.54 -21.17 24.63
N GLN A 224 -7.88 -21.98 25.52
CA GLN A 224 -8.33 -22.39 26.83
C GLN A 224 -8.73 -21.26 27.68
N GLN A 225 -8.05 -20.11 27.43
CA GLN A 225 -8.31 -18.89 28.21
C GLN A 225 -9.68 -18.26 27.98
N ARG A 226 -10.34 -17.89 29.08
CA ARG A 226 -11.64 -17.28 29.10
C ARG A 226 -11.96 -16.25 28.01
N ASP A 227 -11.11 -15.22 27.89
CA ASP A 227 -11.36 -14.07 27.05
C ASP A 227 -10.65 -14.02 25.73
N VAL A 228 -10.14 -15.18 25.31
CA VAL A 228 -9.50 -15.39 24.01
C VAL A 228 -10.53 -16.02 23.04
N ASN A 229 -10.78 -15.26 22.01
CA ASN A 229 -11.71 -15.62 20.97
C ASN A 229 -11.13 -16.06 19.64
N GLY A 230 -9.84 -16.39 19.59
CA GLY A 230 -9.26 -16.74 18.32
C GLY A 230 -7.94 -15.98 18.19
N PHE A 231 -7.39 -16.07 16.98
CA PHE A 231 -6.06 -15.50 16.70
C PHE A 231 -5.97 -14.73 15.38
N LEU A 232 -5.09 -13.76 15.46
CA LEU A 232 -4.58 -13.04 14.34
C LEU A 232 -3.16 -13.59 14.17
N VAL A 233 -2.95 -14.46 13.20
CA VAL A 233 -1.65 -15.19 13.02
C VAL A 233 -0.63 -14.61 12.03
N GLY A 234 0.66 -14.52 12.48
CA GLY A 234 1.68 -14.01 11.63
C GLY A 234 2.36 -15.11 10.76
N GLY A 235 3.58 -15.48 11.17
CA GLY A 235 4.39 -16.51 10.44
C GLY A 235 3.74 -17.85 10.16
N ALA A 236 3.11 -18.34 11.21
CA ALA A 236 2.48 -19.65 11.06
C ALA A 236 1.36 -19.67 10.02
N SER A 237 0.87 -18.48 9.63
CA SER A 237 -0.24 -18.47 8.68
C SER A 237 0.19 -18.87 7.25
N LEU A 238 1.50 -18.78 7.00
CA LEU A 238 2.07 -19.13 5.72
C LEU A 238 2.32 -20.64 5.62
N LYS A 239 2.12 -21.30 6.72
CA LYS A 239 2.33 -22.75 6.90
C LYS A 239 1.07 -23.64 7.05
N PRO A 240 1.28 -24.92 6.68
CA PRO A 240 0.25 -25.93 6.79
C PRO A 240 -0.27 -25.97 8.17
N GLU A 241 0.55 -25.55 9.11
CA GLU A 241 0.30 -25.49 10.55
C GLU A 241 -0.90 -24.63 11.02
N PHE A 242 -1.30 -23.72 10.12
CA PHE A 242 -2.42 -22.87 10.33
C PHE A 242 -3.71 -23.70 10.56
N VAL A 243 -3.76 -24.88 9.94
CA VAL A 243 -4.93 -25.72 10.03
C VAL A 243 -5.06 -26.31 11.40
N ASP A 244 -3.93 -26.40 12.06
CA ASP A 244 -3.94 -26.86 13.41
C ASP A 244 -4.46 -25.74 14.32
N ILE A 245 -4.12 -24.47 13.97
CA ILE A 245 -4.57 -23.30 14.73
C ILE A 245 -6.11 -23.13 14.66
N ILE A 246 -6.68 -23.30 13.47
CA ILE A 246 -8.17 -23.26 13.24
C ILE A 246 -8.87 -24.28 14.17
N LYS A 247 -8.38 -25.52 14.10
CA LYS A 247 -8.82 -26.64 14.94
C LYS A 247 -8.79 -26.30 16.42
N ALA A 248 -7.77 -25.54 16.79
CA ALA A 248 -7.65 -25.08 18.19
C ALA A 248 -8.74 -24.21 18.75
N THR A 249 -9.66 -23.75 17.91
CA THR A 249 -10.79 -22.85 18.30
C THR A 249 -12.03 -23.62 18.61
N GLN A 250 -12.00 -24.99 18.44
CA GLN A 250 -13.21 -25.79 18.65
C GLN A 250 -13.74 -25.75 20.07
N SER B 2 19.25 14.86 -30.79
CA SER B 2 17.92 14.36 -30.95
C SER B 2 17.33 13.87 -29.61
N LYS B 3 16.02 14.08 -29.51
CA LYS B 3 15.24 13.64 -28.36
C LYS B 3 15.20 12.13 -28.19
N PRO B 4 15.34 11.67 -26.93
CA PRO B 4 15.20 10.27 -26.53
C PRO B 4 13.69 9.86 -26.69
N GLN B 5 13.44 8.55 -26.77
CA GLN B 5 12.09 7.98 -26.83
C GLN B 5 11.21 8.49 -25.67
N PRO B 6 10.11 9.19 -26.00
CA PRO B 6 9.29 9.72 -24.94
C PRO B 6 8.55 8.67 -24.14
N ILE B 7 7.90 9.14 -23.11
CA ILE B 7 7.04 8.34 -22.27
C ILE B 7 5.83 9.18 -21.98
N ALA B 8 4.68 8.51 -22.00
CA ALA B 8 3.40 9.06 -21.63
C ALA B 8 2.93 8.05 -20.57
N ALA B 9 3.03 8.50 -19.29
CA ALA B 9 2.70 7.79 -18.05
C ALA B 9 1.46 8.28 -17.34
N ALA B 10 0.56 7.37 -17.21
CA ALA B 10 -0.67 7.61 -16.58
C ALA B 10 -0.60 7.19 -15.08
N ASN B 11 -0.75 8.14 -14.15
CA ASN B 11 -0.78 7.78 -12.78
C ASN B 11 -2.19 7.90 -12.33
N TRP B 12 -2.75 6.75 -12.19
CA TRP B 12 -4.12 6.70 -11.77
C TRP B 12 -4.37 7.04 -10.28
N LYS B 13 -3.25 7.02 -9.52
CA LYS B 13 -3.24 7.28 -8.09
C LYS B 13 -4.21 6.31 -7.38
N CYS B 14 -4.89 6.76 -6.34
CA CYS B 14 -5.79 5.93 -5.57
C CYS B 14 -7.21 6.14 -6.09
N ASN B 15 -7.41 5.68 -7.29
CA ASN B 15 -8.73 5.89 -7.91
C ASN B 15 -9.20 4.77 -8.80
N GLY B 16 -10.51 4.79 -9.16
CA GLY B 16 -11.01 3.83 -10.09
C GLY B 16 -11.88 2.73 -9.48
N SER B 17 -12.60 2.07 -10.38
CA SER B 17 -13.47 0.92 -10.04
C SER B 17 -13.23 -0.09 -11.13
N GLN B 18 -13.68 -1.31 -10.95
CA GLN B 18 -13.44 -2.24 -12.01
C GLN B 18 -14.02 -1.83 -13.37
N GLN B 19 -15.26 -1.33 -13.33
CA GLN B 19 -16.01 -0.92 -14.49
C GLN B 19 -15.39 0.32 -15.17
N SER B 20 -15.11 1.34 -14.41
CA SER B 20 -14.53 2.56 -14.99
C SER B 20 -13.18 2.31 -15.67
N LEU B 21 -12.38 1.52 -14.96
CA LEU B 21 -11.07 1.21 -15.47
C LEU B 21 -11.05 0.38 -16.75
N SER B 22 -11.95 -0.63 -16.78
CA SER B 22 -12.11 -1.57 -17.91
C SER B 22 -12.49 -0.79 -19.15
N GLU B 23 -13.37 0.21 -18.94
CA GLU B 23 -13.82 1.15 -19.96
C GLU B 23 -12.62 1.80 -20.60
N LEU B 24 -11.85 2.53 -19.74
CA LEU B 24 -10.59 3.20 -20.10
C LEU B 24 -9.55 2.34 -20.88
N ILE B 25 -9.38 1.16 -20.38
CA ILE B 25 -8.44 0.22 -20.92
C ILE B 25 -8.92 -0.17 -22.31
N ASP B 26 -10.25 -0.31 -22.50
CA ASP B 26 -10.78 -0.62 -23.82
C ASP B 26 -10.34 0.44 -24.83
N LEU B 27 -10.59 1.69 -24.43
CA LEU B 27 -10.21 2.82 -25.24
C LEU B 27 -8.73 2.84 -25.70
N PHE B 28 -7.81 2.55 -24.78
CA PHE B 28 -6.42 2.64 -25.11
C PHE B 28 -5.99 1.57 -26.09
N ASN B 29 -6.59 0.40 -25.90
CA ASN B 29 -6.22 -0.77 -26.71
C ASN B 29 -6.66 -0.50 -28.18
N SER B 30 -7.67 0.37 -28.24
CA SER B 30 -8.30 0.83 -29.43
C SER B 30 -7.44 1.82 -30.18
N THR B 31 -6.51 2.43 -29.48
CA THR B 31 -5.76 3.54 -30.02
C THR B 31 -4.60 3.13 -30.83
N SER B 32 -4.46 3.86 -31.93
CA SER B 32 -3.40 3.65 -32.89
C SER B 32 -2.33 4.65 -32.64
N ILE B 33 -1.21 4.09 -32.27
CA ILE B 33 -0.09 4.90 -31.88
C ILE B 33 0.97 4.75 -32.94
N ASN B 34 0.98 5.80 -33.75
CA ASN B 34 1.83 5.86 -34.92
C ASN B 34 3.13 6.60 -34.73
N HIS B 35 3.76 6.32 -33.60
CA HIS B 35 5.02 6.89 -33.19
C HIS B 35 5.60 6.16 -32.02
N ASP B 36 6.89 6.25 -31.96
CA ASP B 36 7.66 5.62 -30.93
C ASP B 36 7.56 6.35 -29.60
N VAL B 37 6.65 5.86 -28.77
CA VAL B 37 6.38 6.35 -27.43
C VAL B 37 6.09 5.14 -26.54
N GLN B 38 6.64 5.14 -25.32
CA GLN B 38 6.36 4.08 -24.36
C GLN B 38 5.26 4.61 -23.45
N CYS B 39 4.12 3.95 -23.40
CA CYS B 39 3.01 4.40 -22.52
C CYS B 39 2.94 3.46 -21.34
N VAL B 40 2.76 4.04 -20.15
CA VAL B 40 2.77 3.28 -18.89
C VAL B 40 1.47 3.51 -18.14
N VAL B 41 0.89 2.45 -17.62
CA VAL B 41 -0.34 2.60 -16.85
C VAL B 41 -0.03 2.19 -15.39
N ALA B 42 -0.14 3.13 -14.44
CA ALA B 42 0.15 2.81 -13.03
C ALA B 42 -1.15 2.72 -12.27
N SER B 43 -1.55 1.49 -12.10
CA SER B 43 -2.82 1.32 -11.36
C SER B 43 -2.59 1.02 -9.88
N THR B 44 -3.67 1.02 -9.12
CA THR B 44 -3.55 0.62 -7.72
C THR B 44 -3.05 -0.80 -7.75
N PHE B 45 -2.54 -1.25 -6.58
CA PHE B 45 -2.10 -2.65 -6.42
C PHE B 45 -3.25 -3.64 -6.73
N VAL B 46 -4.45 -3.41 -6.19
CA VAL B 46 -5.65 -4.19 -6.37
C VAL B 46 -6.02 -4.46 -7.86
N HIS B 47 -5.87 -3.43 -8.70
CA HIS B 47 -6.20 -3.34 -10.12
C HIS B 47 -5.12 -3.90 -11.00
N LEU B 48 -4.00 -4.33 -10.42
CA LEU B 48 -2.91 -4.83 -11.31
C LEU B 48 -3.21 -6.07 -12.23
N ALA B 49 -3.96 -7.02 -11.65
CA ALA B 49 -4.37 -8.26 -12.24
C ALA B 49 -5.31 -7.99 -13.45
N MET B 50 -6.35 -7.24 -13.23
CA MET B 50 -7.27 -6.88 -14.27
C MET B 50 -6.53 -6.10 -15.37
N THR B 51 -5.67 -5.19 -14.93
CA THR B 51 -4.95 -4.38 -15.86
C THR B 51 -4.06 -5.18 -16.74
N LYS B 52 -3.34 -6.10 -16.12
CA LYS B 52 -2.43 -6.99 -16.78
C LYS B 52 -3.27 -7.95 -17.62
N GLU B 53 -4.49 -8.28 -17.18
CA GLU B 53 -5.31 -9.13 -17.99
C GLU B 53 -5.89 -8.41 -19.21
N ARG B 54 -6.48 -7.27 -19.05
CA ARG B 54 -7.17 -6.57 -20.11
C ARG B 54 -6.36 -5.68 -21.07
N LEU B 55 -5.29 -5.00 -20.61
CA LEU B 55 -4.40 -4.17 -21.44
C LEU B 55 -3.79 -5.03 -22.53
N SER B 56 -4.07 -4.69 -23.80
CA SER B 56 -3.57 -5.44 -24.98
C SER B 56 -2.55 -4.71 -25.88
N HIS B 57 -2.63 -3.39 -25.91
CA HIS B 57 -1.77 -2.53 -26.72
C HIS B 57 -0.28 -2.80 -26.59
N PRO B 58 0.28 -2.92 -27.77
CA PRO B 58 1.68 -3.17 -27.96
C PRO B 58 2.51 -2.07 -27.34
N LYS B 59 2.01 -0.83 -27.37
CA LYS B 59 2.77 0.33 -26.82
C LYS B 59 2.65 0.64 -25.32
N PHE B 60 1.79 -0.13 -24.62
CA PHE B 60 1.60 0.02 -23.17
C PHE B 60 2.31 -1.02 -22.32
N VAL B 61 2.69 -0.62 -21.12
CA VAL B 61 3.27 -1.46 -20.06
C VAL B 61 2.53 -1.09 -18.77
N ILE B 62 2.52 -2.03 -17.84
CA ILE B 62 1.94 -1.73 -16.57
C ILE B 62 3.02 -1.41 -15.56
N ALA B 63 2.63 -0.57 -14.62
CA ALA B 63 3.47 -0.20 -13.55
C ALA B 63 2.74 -0.14 -12.20
N ALA B 64 3.54 -0.28 -11.12
CA ALA B 64 3.08 -0.07 -9.74
C ALA B 64 3.37 1.41 -9.34
N GLN B 65 2.57 1.88 -8.36
CA GLN B 65 2.67 3.24 -7.81
C GLN B 65 3.60 3.40 -6.57
N ASN B 66 4.13 2.30 -6.04
CA ASN B 66 5.01 2.25 -4.88
C ASN B 66 5.37 0.82 -4.60
N ALA B 67 6.37 0.63 -3.73
CA ALA B 67 6.77 -0.62 -3.17
C ALA B 67 7.83 -0.46 -2.05
N ILE B 68 8.01 -1.50 -1.19
CA ILE B 68 9.07 -1.57 -0.21
C ILE B 68 10.12 -2.50 -0.79
N ALA B 69 11.33 -2.43 -0.27
CA ALA B 69 12.39 -3.22 -0.88
C ALA B 69 12.33 -4.76 -0.83
N LYS B 70 12.04 -5.28 0.39
CA LYS B 70 12.05 -6.73 0.55
C LYS B 70 10.75 -7.15 1.15
N SER B 71 10.46 -8.44 0.97
CA SER B 71 9.30 -9.12 1.59
C SER B 71 9.49 -9.28 3.11
N GLY B 72 8.42 -9.31 3.90
CA GLY B 72 8.67 -9.44 5.32
C GLY B 72 7.46 -9.01 6.12
N ALA B 73 7.78 -8.66 7.35
CA ALA B 73 6.83 -8.33 8.38
C ALA B 73 6.54 -6.88 8.31
N PHE B 74 5.87 -6.54 7.18
CA PHE B 74 5.46 -5.20 6.77
C PHE B 74 3.98 -5.19 6.36
N THR B 75 3.11 -5.43 7.36
CA THR B 75 1.64 -5.50 7.13
C THR B 75 1.16 -4.33 6.32
N GLY B 76 0.35 -4.62 5.35
CA GLY B 76 -0.20 -3.58 4.49
C GLY B 76 0.65 -3.16 3.31
N GLU B 77 1.93 -3.45 3.30
CA GLU B 77 2.83 -3.07 2.19
C GLU B 77 3.05 -4.20 1.16
N VAL B 78 3.56 -3.81 0.01
CA VAL B 78 3.90 -4.69 -1.12
C VAL B 78 5.39 -4.47 -1.53
N SER B 79 6.17 -5.55 -1.65
CA SER B 79 7.58 -5.55 -2.00
C SER B 79 7.84 -5.79 -3.47
N LEU B 80 9.04 -5.43 -3.88
CA LEU B 80 9.59 -5.61 -5.21
C LEU B 80 9.56 -7.08 -5.72
N PRO B 81 9.98 -8.03 -4.87
CA PRO B 81 9.94 -9.43 -5.23
C PRO B 81 8.57 -9.83 -5.50
N ILE B 82 7.58 -9.33 -4.70
CA ILE B 82 6.22 -9.77 -4.98
C ILE B 82 5.71 -9.20 -6.31
N LEU B 83 6.03 -7.92 -6.63
CA LEU B 83 5.66 -7.34 -7.90
C LEU B 83 6.30 -8.07 -9.09
N LYS B 84 7.51 -8.41 -8.90
CA LYS B 84 8.23 -9.03 -9.96
C LYS B 84 7.71 -10.46 -10.23
N ASP B 85 7.47 -11.29 -9.19
CA ASP B 85 6.89 -12.59 -9.39
C ASP B 85 5.54 -12.38 -10.12
N PHE B 86 4.85 -11.23 -9.89
CA PHE B 86 3.63 -10.90 -10.53
C PHE B 86 3.84 -10.43 -11.93
N GLY B 87 5.07 -10.25 -12.42
CA GLY B 87 5.12 -9.78 -13.80
C GLY B 87 5.00 -8.28 -14.00
N VAL B 88 5.36 -7.48 -13.01
CA VAL B 88 5.37 -6.00 -13.13
C VAL B 88 6.85 -5.62 -13.23
N ASN B 89 7.20 -4.78 -14.16
CA ASN B 89 8.60 -4.40 -14.23
C ASN B 89 8.88 -2.91 -14.31
N TRP B 90 7.83 -2.11 -14.17
CA TRP B 90 7.86 -0.67 -14.14
C TRP B 90 7.27 -0.20 -12.83
N ILE B 91 7.98 0.81 -12.31
CA ILE B 91 7.55 1.35 -11.05
C ILE B 91 7.72 2.85 -10.91
N VAL B 92 6.75 3.47 -10.21
CA VAL B 92 6.83 4.88 -9.86
C VAL B 92 7.24 4.97 -8.42
N LEU B 93 8.32 5.74 -8.20
CA LEU B 93 8.89 5.90 -6.84
C LEU B 93 9.17 7.39 -6.44
N GLY B 94 9.02 7.72 -5.13
CA GLY B 94 9.25 9.09 -4.57
C GLY B 94 8.24 10.12 -5.02
N HIS B 95 6.99 9.71 -5.26
CA HIS B 95 5.89 10.62 -5.63
C HIS B 95 5.79 11.61 -4.53
N SER B 96 5.51 12.87 -4.88
CA SER B 96 5.40 13.93 -3.89
C SER B 96 4.38 13.64 -2.80
N GLU B 97 3.31 12.85 -3.10
CA GLU B 97 2.27 12.46 -2.14
C GLU B 97 2.79 11.53 -1.02
N ARG B 98 3.77 10.72 -1.43
CA ARG B 98 4.45 9.79 -0.50
C ARG B 98 5.45 10.55 0.43
N ARG B 99 6.10 11.52 -0.22
CA ARG B 99 7.08 12.48 0.36
C ARG B 99 6.38 13.36 1.40
N ALA B 100 5.24 13.92 0.97
CA ALA B 100 4.36 14.78 1.80
C ALA B 100 3.61 14.04 2.84
N TYR B 101 3.07 12.89 2.47
CA TYR B 101 2.27 12.22 3.44
C TYR B 101 2.76 11.02 4.11
N TYR B 102 3.65 10.28 3.48
CA TYR B 102 3.97 8.97 3.95
C TYR B 102 5.39 8.87 4.43
N GLY B 103 5.87 10.04 4.86
CA GLY B 103 7.15 10.18 5.45
C GLY B 103 8.24 9.69 4.51
N GLU B 104 8.15 9.84 3.19
CA GLU B 104 9.31 9.37 2.50
C GLU B 104 10.39 10.41 2.33
N THR B 105 11.57 10.23 2.95
CA THR B 105 12.65 11.24 2.78
C THR B 105 13.50 10.97 1.56
N ASN B 106 14.38 11.91 1.27
CA ASN B 106 15.28 11.71 0.18
C ASN B 106 16.02 10.39 0.24
N GLU B 107 16.30 9.99 1.49
CA GLU B 107 17.09 8.82 1.67
C GLU B 107 16.33 7.57 1.34
N ILE B 108 15.14 7.57 1.86
CA ILE B 108 14.17 6.53 1.67
C ILE B 108 13.90 6.33 0.17
N VAL B 109 13.75 7.42 -0.60
CA VAL B 109 13.45 7.30 -2.01
C VAL B 109 14.62 6.76 -2.73
N ALA B 110 15.80 7.22 -2.25
CA ALA B 110 17.05 6.70 -2.87
C ALA B 110 17.30 5.19 -2.73
N ASP B 111 17.01 4.69 -1.52
CA ASP B 111 17.06 3.28 -1.14
C ASP B 111 16.11 2.45 -1.97
N LYS B 112 14.86 2.94 -2.10
CA LYS B 112 13.79 2.30 -2.91
C LYS B 112 14.16 2.19 -4.40
N VAL B 113 14.71 3.26 -4.90
CA VAL B 113 15.10 3.34 -6.28
C VAL B 113 16.28 2.39 -6.54
N ALA B 114 17.32 2.38 -5.67
CA ALA B 114 18.47 1.49 -5.90
C ALA B 114 18.04 0.00 -5.83
N ALA B 115 17.20 -0.30 -4.87
CA ALA B 115 16.62 -1.61 -4.75
C ALA B 115 15.93 -2.07 -6.03
N ALA B 116 15.00 -1.24 -6.56
CA ALA B 116 14.18 -1.52 -7.74
C ALA B 116 15.02 -1.75 -8.95
N VAL B 117 16.00 -0.88 -9.06
CA VAL B 117 17.04 -0.95 -10.09
C VAL B 117 17.83 -2.28 -10.00
N ALA B 118 18.06 -2.71 -8.76
CA ALA B 118 18.73 -3.97 -8.56
C ALA B 118 17.84 -5.15 -8.98
N SER B 119 16.54 -5.12 -8.69
CA SER B 119 15.73 -6.20 -9.12
C SER B 119 15.37 -6.18 -10.58
N GLY B 120 15.91 -5.27 -11.37
CA GLY B 120 15.61 -5.19 -12.80
C GLY B 120 14.40 -4.39 -13.29
N PHE B 121 13.76 -3.59 -12.41
CA PHE B 121 12.67 -2.76 -12.84
C PHE B 121 13.14 -1.45 -13.53
N MET B 122 12.25 -0.91 -14.32
CA MET B 122 12.34 0.38 -15.00
C MET B 122 11.66 1.28 -13.99
N VAL B 123 12.40 2.27 -13.56
CA VAL B 123 11.90 3.15 -12.53
C VAL B 123 11.58 4.61 -12.99
N ILE B 124 10.42 5.16 -12.65
CA ILE B 124 10.15 6.54 -12.82
C ILE B 124 10.24 7.18 -11.39
N ALA B 125 11.34 7.92 -11.23
CA ALA B 125 11.70 8.62 -9.98
C ALA B 125 11.33 10.09 -10.01
N CYS B 126 10.54 10.43 -9.04
CA CYS B 126 9.91 11.72 -8.92
C CYS B 126 10.70 12.63 -8.04
N ILE B 127 10.86 13.84 -8.56
CA ILE B 127 11.53 14.88 -7.80
C ILE B 127 10.74 16.17 -8.04
N GLY B 128 10.89 17.12 -7.09
CA GLY B 128 10.25 18.44 -7.26
C GLY B 128 10.10 19.29 -5.99
N GLU B 129 9.87 20.60 -6.19
CA GLU B 129 9.81 21.57 -5.05
C GLU B 129 8.41 22.00 -4.81
N THR B 130 8.20 22.44 -3.57
CA THR B 130 6.93 22.86 -3.07
C THR B 130 6.76 24.35 -3.29
N LEU B 131 5.54 24.89 -3.13
CA LEU B 131 5.24 26.31 -3.38
C LEU B 131 6.27 27.20 -2.70
N GLN B 132 6.34 26.90 -1.43
CA GLN B 132 7.20 27.38 -0.42
C GLN B 132 8.60 27.55 -0.99
N GLU B 133 9.21 26.41 -1.29
CA GLU B 133 10.54 26.43 -1.80
C GLU B 133 10.73 27.33 -3.01
N ARG B 134 9.83 27.18 -3.96
CA ARG B 134 9.91 27.97 -5.15
C ARG B 134 9.86 29.53 -4.86
N GLU B 135 9.00 29.93 -3.93
CA GLU B 135 8.75 31.32 -3.60
C GLU B 135 9.91 31.93 -2.88
N SER B 136 10.59 31.02 -2.24
CA SER B 136 11.81 31.30 -1.55
C SER B 136 12.98 31.30 -2.55
N GLY B 137 12.73 31.24 -3.88
CA GLY B 137 13.85 31.17 -4.80
C GLY B 137 14.86 30.03 -4.46
N ARG B 138 14.37 28.85 -3.96
CA ARG B 138 15.16 27.67 -3.59
C ARG B 138 15.02 26.36 -4.40
N THR B 139 14.32 26.53 -5.52
CA THR B 139 14.09 25.42 -6.45
C THR B 139 15.37 24.67 -6.83
N ALA B 140 16.44 25.35 -7.29
CA ALA B 140 17.68 24.65 -7.71
C ALA B 140 18.27 23.72 -6.70
N VAL B 141 18.38 24.19 -5.43
CA VAL B 141 18.96 23.48 -4.28
C VAL B 141 18.17 22.23 -3.99
N VAL B 142 16.83 22.41 -3.95
CA VAL B 142 15.90 21.26 -3.65
C VAL B 142 15.99 20.18 -4.73
N VAL B 143 15.85 20.60 -5.95
CA VAL B 143 15.81 19.62 -7.01
C VAL B 143 17.11 18.85 -7.10
N LEU B 144 18.18 19.61 -7.09
CA LEU B 144 19.54 19.05 -7.13
C LEU B 144 19.87 18.15 -6.00
N THR B 145 19.46 18.56 -4.79
CA THR B 145 19.63 17.74 -3.60
C THR B 145 18.80 16.44 -3.73
N GLN B 146 17.64 16.56 -4.37
CA GLN B 146 16.88 15.32 -4.55
C GLN B 146 17.52 14.29 -5.52
N ILE B 147 17.91 14.72 -6.68
CA ILE B 147 18.54 13.90 -7.70
C ILE B 147 19.88 13.39 -7.12
N ALA B 148 20.66 14.26 -6.50
CA ALA B 148 21.94 13.84 -5.94
C ALA B 148 21.82 12.66 -4.98
N ALA B 149 20.81 12.65 -4.16
CA ALA B 149 20.58 11.59 -3.19
C ALA B 149 20.39 10.23 -3.92
N ILE B 150 19.58 10.28 -4.97
CA ILE B 150 19.29 9.08 -5.77
C ILE B 150 20.57 8.61 -6.43
N ALA B 151 21.23 9.54 -7.12
CA ALA B 151 22.42 9.26 -7.88
C ALA B 151 23.49 8.56 -7.06
N LYS B 152 23.59 8.98 -5.80
CA LYS B 152 24.52 8.49 -4.76
C LYS B 152 24.52 6.96 -4.61
N LYS B 153 23.43 6.35 -5.04
CA LYS B 153 23.34 4.94 -4.82
C LYS B 153 23.31 4.17 -6.08
N LEU B 154 23.44 4.84 -7.21
CA LEU B 154 23.30 4.07 -8.47
C LEU B 154 24.64 4.01 -9.12
N LYS B 155 24.79 3.07 -10.07
CA LYS B 155 26.02 2.87 -10.83
C LYS B 155 25.73 3.48 -12.17
N LYS B 156 26.75 3.91 -12.93
CA LYS B 156 26.50 4.61 -14.17
C LYS B 156 25.59 3.79 -15.03
N ALA B 157 25.88 2.50 -14.94
CA ALA B 157 25.11 1.47 -15.60
C ALA B 157 23.62 1.49 -15.23
N ASP B 158 23.35 1.76 -13.96
CA ASP B 158 22.01 1.86 -13.49
C ASP B 158 21.14 2.84 -14.24
N TRP B 159 21.76 3.88 -14.75
CA TRP B 159 21.05 5.01 -15.36
C TRP B 159 20.12 4.62 -16.47
N ALA B 160 20.42 3.50 -17.13
CA ALA B 160 19.60 2.97 -18.19
C ALA B 160 18.17 2.55 -17.79
N LYS B 161 18.04 2.27 -16.54
CA LYS B 161 16.77 1.83 -15.97
C LYS B 161 15.91 2.97 -15.38
N VAL B 162 16.54 4.16 -15.32
CA VAL B 162 15.97 5.29 -14.65
C VAL B 162 15.32 6.30 -15.57
N VAL B 163 14.15 6.74 -15.12
CA VAL B 163 13.39 7.82 -15.70
C VAL B 163 13.12 8.82 -14.58
N ILE B 164 13.47 10.10 -14.91
CA ILE B 164 13.21 11.24 -14.00
C ILE B 164 11.86 11.88 -14.23
N ALA B 165 11.09 12.05 -13.14
CA ALA B 165 9.88 12.84 -13.28
C ALA B 165 10.02 14.14 -12.42
N TYR B 166 9.86 15.31 -13.06
CA TYR B 166 9.93 16.62 -12.46
C TYR B 166 8.51 17.07 -12.24
N GLU B 167 8.09 16.99 -10.98
CA GLU B 167 6.73 17.37 -10.64
C GLU B 167 6.71 18.48 -9.58
N PRO B 168 6.53 19.73 -10.08
CA PRO B 168 6.38 20.98 -9.26
C PRO B 168 5.22 20.85 -8.26
N VAL B 169 5.52 20.68 -6.97
CA VAL B 169 4.47 20.51 -6.01
C VAL B 169 3.36 21.51 -6.09
N TRP B 170 3.71 22.72 -6.37
CA TRP B 170 2.65 23.70 -6.61
C TRP B 170 1.72 23.32 -7.78
N ALA B 171 2.24 22.62 -8.77
CA ALA B 171 1.49 22.19 -9.95
C ALA B 171 0.54 20.94 -9.77
N ILE B 172 0.43 20.37 -8.55
CA ILE B 172 -0.42 19.20 -8.41
C ILE B 172 -1.82 19.39 -7.85
N GLY B 173 -2.81 19.05 -8.69
CA GLY B 173 -4.25 19.09 -8.41
C GLY B 173 -4.76 20.48 -8.11
N THR B 174 -4.10 21.53 -8.64
CA THR B 174 -4.45 22.92 -8.37
C THR B 174 -4.83 23.66 -9.63
N GLY B 175 -4.54 23.04 -10.75
CA GLY B 175 -4.82 23.65 -12.03
C GLY B 175 -3.60 24.45 -12.47
N LYS B 176 -2.75 24.75 -11.51
CA LYS B 176 -1.64 25.55 -11.89
C LYS B 176 -0.46 24.90 -12.64
N VAL B 177 -0.54 24.68 -13.95
CA VAL B 177 0.63 24.16 -14.71
C VAL B 177 1.82 25.13 -14.80
N ALA B 178 3.02 24.59 -14.85
CA ALA B 178 4.12 25.51 -15.01
C ALA B 178 4.05 25.98 -16.44
N THR B 179 4.76 27.06 -16.73
CA THR B 179 4.84 27.52 -18.09
C THR B 179 5.90 26.64 -18.73
N PRO B 180 5.87 26.49 -20.05
CA PRO B 180 6.88 25.74 -20.77
C PRO B 180 8.30 26.26 -20.53
N GLN B 181 8.38 27.51 -20.08
CA GLN B 181 9.68 28.08 -19.78
C GLN B 181 10.16 27.67 -18.36
N GLN B 182 9.22 27.53 -17.41
CA GLN B 182 9.55 27.09 -16.06
C GLN B 182 10.00 25.63 -16.02
N ALA B 183 9.33 24.83 -16.86
CA ALA B 183 9.53 23.40 -17.04
C ALA B 183 10.87 23.09 -17.76
N GLN B 184 11.11 23.85 -18.83
CA GLN B 184 12.30 23.70 -19.59
C GLN B 184 13.52 24.08 -18.74
N GLU B 185 13.34 25.09 -17.91
CA GLU B 185 14.47 25.53 -17.15
C GLU B 185 14.86 24.57 -16.06
N ALA B 186 13.82 24.03 -15.33
CA ALA B 186 13.93 22.93 -14.30
C ALA B 186 14.61 21.64 -14.92
N HIS B 187 14.01 21.24 -16.07
CA HIS B 187 14.50 20.13 -16.89
C HIS B 187 15.97 20.29 -17.35
N ALA B 188 16.32 21.46 -17.90
CA ALA B 188 17.70 21.75 -18.26
C ALA B 188 18.64 21.73 -17.02
N LEU B 189 18.17 22.27 -15.88
CA LEU B 189 18.94 22.21 -14.64
C LEU B 189 19.33 20.76 -14.27
N ILE B 190 18.30 19.87 -14.29
CA ILE B 190 18.49 18.42 -14.01
C ILE B 190 19.54 17.67 -14.87
N ARG B 191 19.34 17.80 -16.19
CA ARG B 191 20.19 17.24 -17.23
C ARG B 191 21.62 17.69 -17.11
N SER B 192 21.77 18.99 -16.75
CA SER B 192 23.10 19.62 -16.50
C SER B 192 23.72 19.02 -15.27
N TRP B 193 22.95 18.79 -14.18
CA TRP B 193 23.61 18.09 -13.14
C TRP B 193 24.17 16.70 -13.62
N VAL B 194 23.25 15.96 -14.29
CA VAL B 194 23.49 14.62 -14.89
C VAL B 194 24.71 14.53 -15.81
N SER B 195 24.82 15.45 -16.76
CA SER B 195 25.98 15.46 -17.64
C SER B 195 27.25 15.75 -16.90
N SER B 196 27.22 16.70 -16.00
CA SER B 196 28.46 17.02 -15.34
C SER B 196 28.82 15.94 -14.30
N LYS B 197 27.80 15.47 -13.61
CA LYS B 197 27.97 14.49 -12.57
C LYS B 197 28.17 13.06 -13.07
N ILE B 198 27.38 12.63 -14.07
CA ILE B 198 27.47 11.28 -14.57
C ILE B 198 28.06 11.07 -15.94
N GLY B 199 27.89 11.99 -16.86
CA GLY B 199 28.42 11.79 -18.14
C GLY B 199 27.43 12.37 -19.09
N ALA B 200 27.90 12.89 -20.20
CA ALA B 200 27.02 13.54 -21.15
C ALA B 200 26.18 12.51 -21.79
N ASP B 201 26.84 11.38 -21.90
CA ASP B 201 26.33 10.22 -22.58
C ASP B 201 25.04 9.80 -21.91
N VAL B 202 25.15 9.67 -20.60
CA VAL B 202 24.05 9.38 -19.73
C VAL B 202 23.01 10.51 -19.81
N ALA B 203 23.48 11.77 -19.71
CA ALA B 203 22.64 12.92 -19.76
C ALA B 203 21.77 12.91 -21.00
N GLY B 204 22.32 12.37 -22.03
CA GLY B 204 21.72 12.35 -23.35
C GLY B 204 20.72 11.31 -23.62
N GLU B 205 20.81 10.21 -22.94
CA GLU B 205 19.85 9.14 -23.09
C GLU B 205 18.66 9.30 -22.11
N LEU B 206 18.83 10.17 -21.10
CA LEU B 206 17.90 10.37 -20.01
C LEU B 206 16.55 10.98 -20.32
N ARG B 207 15.46 10.24 -19.93
CA ARG B 207 14.10 10.70 -20.02
C ARG B 207 13.75 11.47 -18.76
N ILE B 208 13.42 12.75 -19.01
CA ILE B 208 12.87 13.71 -18.04
C ILE B 208 11.44 14.08 -18.39
N LEU B 209 10.52 13.57 -17.52
CA LEU B 209 9.09 13.77 -17.65
C LEU B 209 8.64 14.92 -16.74
N TYR B 210 7.76 15.72 -17.35
CA TYR B 210 7.15 16.82 -16.66
C TYR B 210 5.85 16.26 -16.06
N GLY B 211 5.52 16.63 -14.85
CA GLY B 211 4.26 16.32 -14.14
C GLY B 211 3.65 17.58 -13.45
N GLY B 212 2.32 17.72 -13.45
CA GLY B 212 1.67 18.86 -12.80
C GLY B 212 0.70 19.50 -13.77
N SER B 213 -0.54 19.15 -13.56
CA SER B 213 -1.62 19.66 -14.39
C SER B 213 -1.35 19.60 -15.89
N VAL B 214 -0.95 18.42 -16.39
CA VAL B 214 -0.84 18.23 -17.81
C VAL B 214 -2.25 17.89 -18.33
N ASN B 215 -2.64 18.49 -19.41
CA ASN B 215 -3.93 18.15 -19.92
C ASN B 215 -3.87 18.04 -21.42
N GLY B 216 -5.05 17.70 -21.96
CA GLY B 216 -5.21 17.59 -23.38
C GLY B 216 -4.62 18.80 -24.14
N LYS B 217 -4.93 19.98 -23.60
CA LYS B 217 -4.61 21.33 -24.07
C LYS B 217 -3.16 21.82 -24.00
N ASN B 218 -2.59 21.82 -22.83
CA ASN B 218 -1.21 22.26 -22.62
C ASN B 218 -0.06 21.29 -22.97
N ALA B 219 -0.31 20.05 -23.23
CA ALA B 219 0.80 19.17 -23.44
C ALA B 219 1.66 19.33 -24.72
N ARG B 220 1.07 19.86 -25.79
CA ARG B 220 1.78 19.96 -27.08
C ARG B 220 2.95 20.94 -27.04
N THR B 221 2.68 22.01 -26.37
CA THR B 221 3.57 23.10 -26.17
C THR B 221 4.68 22.75 -25.14
N LEU B 222 4.26 21.98 -24.14
CA LEU B 222 5.16 21.51 -23.13
C LEU B 222 6.20 20.66 -23.80
N TYR B 223 5.74 19.72 -24.65
CA TYR B 223 6.51 18.67 -25.33
C TYR B 223 7.62 19.25 -26.24
N GLN B 224 7.23 20.41 -26.77
CA GLN B 224 8.05 21.18 -27.68
C GLN B 224 9.37 21.62 -27.05
N GLN B 225 9.35 21.93 -25.74
CA GLN B 225 10.57 22.27 -24.97
C GLN B 225 11.68 21.25 -25.17
N ARG B 226 12.90 21.72 -25.28
CA ARG B 226 14.00 20.81 -25.59
C ARG B 226 14.31 19.65 -24.65
N ASP B 227 14.15 19.93 -23.34
CA ASP B 227 14.49 19.01 -22.25
C ASP B 227 13.32 18.21 -21.67
N VAL B 228 12.18 18.37 -22.34
CA VAL B 228 10.95 17.66 -22.02
C VAL B 228 10.87 16.39 -22.89
N ASN B 229 10.75 15.22 -22.21
CA ASN B 229 10.69 13.98 -22.94
C ASN B 229 9.39 13.22 -22.71
N GLY B 230 8.35 13.84 -22.23
CA GLY B 230 7.20 13.00 -21.91
C GLY B 230 6.51 13.51 -20.63
N PHE B 231 5.54 12.72 -20.11
CA PHE B 231 4.66 13.24 -19.05
C PHE B 231 4.34 12.17 -18.09
N LEU B 232 4.12 12.57 -16.86
CA LEU B 232 3.58 11.76 -15.79
C LEU B 232 2.26 12.47 -15.52
N VAL B 233 1.12 11.86 -15.83
CA VAL B 233 -0.19 12.55 -15.74
C VAL B 233 -0.99 12.04 -14.59
N GLY B 234 -1.68 12.93 -13.93
CA GLY B 234 -2.50 12.57 -12.81
C GLY B 234 -3.93 12.50 -13.29
N GLY B 235 -4.76 13.48 -12.88
CA GLY B 235 -6.22 13.43 -13.10
C GLY B 235 -6.79 13.20 -14.52
N ALA B 236 -6.07 13.70 -15.54
CA ALA B 236 -6.46 13.55 -16.91
C ALA B 236 -6.17 12.18 -17.42
N SER B 237 -5.50 11.29 -16.64
CA SER B 237 -5.22 9.93 -17.09
C SER B 237 -6.45 9.03 -16.81
N LEU B 238 -7.39 9.55 -16.06
CA LEU B 238 -8.61 8.84 -15.76
C LEU B 238 -9.67 9.20 -16.85
N LYS B 239 -9.24 9.96 -17.85
CA LYS B 239 -10.01 10.50 -18.95
C LYS B 239 -9.52 10.14 -20.35
N PRO B 240 -10.49 10.26 -21.31
CA PRO B 240 -10.17 10.02 -22.68
C PRO B 240 -9.08 10.96 -23.19
N GLU B 241 -9.00 12.14 -22.54
CA GLU B 241 -7.94 13.09 -22.87
C GLU B 241 -6.52 12.54 -22.83
N PHE B 242 -6.31 11.48 -22.04
CA PHE B 242 -4.98 10.92 -21.99
C PHE B 242 -4.41 10.57 -23.37
N VAL B 243 -5.33 10.24 -24.26
CA VAL B 243 -5.13 9.91 -25.68
C VAL B 243 -4.54 11.11 -26.46
N ASP B 244 -5.15 12.25 -26.12
CA ASP B 244 -4.64 13.53 -26.58
C ASP B 244 -3.20 13.85 -26.11
N ILE B 245 -2.94 13.51 -24.82
CA ILE B 245 -1.63 13.66 -24.22
C ILE B 245 -0.54 12.84 -24.93
N ILE B 246 -0.84 11.58 -25.13
CA ILE B 246 0.04 10.63 -25.83
C ILE B 246 0.43 11.10 -27.23
N LYS B 247 -0.59 11.63 -27.93
CA LYS B 247 -0.38 12.14 -29.29
C LYS B 247 0.57 13.32 -29.29
N ALA B 248 0.43 14.12 -28.24
CA ALA B 248 1.31 15.26 -28.17
C ALA B 248 2.78 14.88 -28.17
N THR B 249 3.13 13.62 -28.18
CA THR B 249 4.51 13.29 -28.01
C THR B 249 5.19 13.05 -29.30
N GLN B 250 4.45 13.34 -30.39
CA GLN B 250 4.95 13.21 -31.78
C GLN B 250 6.22 14.03 -32.03
S SO4 C . -14.85 8.54 -1.65
O1 SO4 C . -15.75 8.09 -2.77
O2 SO4 C . -14.65 10.02 -1.73
O3 SO4 C . -13.52 7.85 -1.82
O4 SO4 C . -15.49 8.24 -0.31
S1 DTT D . -7.32 4.92 29.84
C1 DTT D . -8.14 5.68 28.42
C2 DTT D . -9.06 6.90 28.81
O2 DTT D . -8.18 7.85 29.45
C3 DTT D . -10.36 6.62 29.70
O3 DTT D . -11.37 5.81 29.05
C4 DTT D . -10.09 5.98 31.04
S4 DTT D . -9.10 4.39 30.82
S SO4 E . -2.74 16.62 -11.73
O1 SO4 E . -3.77 15.90 -10.91
O2 SO4 E . -3.46 17.03 -13.00
O3 SO4 E . -1.57 15.75 -12.10
O4 SO4 E . -2.23 17.83 -11.01
#